data_6Z1C
#
_entry.id   6Z1C
#
_cell.length_a   85.250
_cell.length_b   81.110
_cell.length_c   48.380
_cell.angle_alpha   90.000
_cell.angle_beta   108.640
_cell.angle_gamma   90.000
#
_symmetry.space_group_name_H-M   'C 1 2 1'
#
loop_
_entity.id
_entity.type
_entity.pdbx_description
1 polymer 'Casein kinase II subunit alpha-1'
2 non-polymer '3-[5-(4-methylphenyl)thieno[2,3-d]pyrimidin-4-yl]sulfanylpropanoic acid'
3 non-polymer 'CHLORIDE ION'
4 water water
#
_entity_poly.entity_id   1
_entity_poly.type   'polypeptide(L)'
_entity_poly.pdbx_seq_one_letter_code
;SKARVYTEVNVIRPKDYWDYESLIVQWGEQDDYEVVRKVGRGKYSEVFEGINVNSKEKCIIKILKPVKKKKIRREIKILQ
NLCGGPNIVKLLDVVRDQHSKTPSLIFEYVNSTDFKVLYPTLTDYDIRYYIYELLKALDFCHSQGIMHRDVKPHNVMIDH
ELRKLRLIDWGLAEFYHPGKEYNVRVASRYFKGPELLVDLQDYDYSLDMWSLGCMFAGMIFRKEPFFYGHDNQDQLVKIA
KVLGTDELNAYLNKYQLELDPQLEALVGRHSRKPWSKFINADNQHLVSPEAIDFLDKLLRYDHQDRLTAKEAMAHAYFAQ
VRAAETSRMRSQL
;
_entity_poly.pdbx_strand_id   A
#
# COMPACT_ATOMS: atom_id res chain seq x y z
N SER A 1 -6.69 -18.94 10.32
CA SER A 1 -5.75 -17.88 10.04
C SER A 1 -6.12 -16.57 10.76
N LYS A 2 -5.20 -16.08 11.58
CA LYS A 2 -5.36 -14.83 12.31
C LYS A 2 -4.02 -14.11 12.37
N ALA A 3 -4.09 -12.78 12.45
CA ALA A 3 -2.89 -11.96 12.41
C ALA A 3 -2.04 -12.16 13.67
N ARG A 4 -0.73 -11.96 13.50
CA ARG A 4 0.22 -11.95 14.61
C ARG A 4 0.20 -10.64 15.39
N VAL A 5 -0.46 -9.60 14.87
CA VAL A 5 -0.51 -8.30 15.53
C VAL A 5 -1.88 -7.67 15.32
N TYR A 6 -2.30 -6.87 16.29
CA TYR A 6 -3.41 -5.94 16.11
C TYR A 6 -4.74 -6.64 15.81
N THR A 7 -4.90 -7.87 16.29
CA THR A 7 -6.18 -8.55 16.12
C THR A 7 -7.29 -7.93 16.98
N GLU A 8 -6.93 -7.15 18.01
CA GLU A 8 -7.86 -6.74 19.06
C GLU A 8 -8.30 -5.29 18.94
N VAL A 9 -8.01 -4.65 17.81
CA VAL A 9 -8.27 -3.21 17.67
CA VAL A 9 -8.27 -3.21 17.67
C VAL A 9 -9.73 -2.91 17.36
N ASN A 10 -10.34 -3.55 16.37
CA ASN A 10 -11.75 -3.39 16.08
C ASN A 10 -12.61 -4.37 16.86
N VAL A 11 -12.08 -4.93 17.95
CA VAL A 11 -12.84 -5.81 18.82
C VAL A 11 -12.91 -5.32 20.25
N ILE A 12 -12.11 -4.32 20.60
CA ILE A 12 -12.17 -3.62 21.88
C ILE A 12 -12.59 -2.16 21.69
N ARG A 13 -13.14 -1.83 20.52
CA ARG A 13 -13.70 -0.51 20.23
C ARG A 13 -15.21 -0.60 20.04
N ASP A 16 -19.15 2.51 16.42
CA ASP A 16 -19.16 3.59 15.44
C ASP A 16 -17.77 3.79 14.86
N TYR A 17 -16.78 3.09 15.41
CA TYR A 17 -15.41 3.23 14.93
C TYR A 17 -15.26 2.59 13.56
N TRP A 18 -15.57 1.30 13.46
CA TRP A 18 -15.48 0.56 12.20
C TRP A 18 -16.83 0.43 11.50
N ASP A 19 -17.89 1.00 12.08
CA ASP A 19 -19.24 0.90 11.51
C ASP A 19 -19.44 2.03 10.48
N TYR A 20 -18.81 1.85 9.32
CA TYR A 20 -18.83 2.90 8.31
C TYR A 20 -20.15 2.97 7.55
N GLU A 21 -20.88 1.85 7.47
CA GLU A 21 -22.15 1.88 6.77
C GLU A 21 -23.13 2.86 7.40
N SER A 22 -23.05 3.04 8.72
CA SER A 22 -23.95 3.93 9.44
C SER A 22 -23.40 5.34 9.59
N LEU A 23 -22.23 5.62 9.01
CA LEU A 23 -21.65 6.95 9.11
C LEU A 23 -22.59 7.99 8.49
N ILE A 24 -22.62 9.18 9.10
CA ILE A 24 -23.31 10.33 8.53
C ILE A 24 -22.26 11.39 8.25
N VAL A 25 -22.12 11.76 6.98
CA VAL A 25 -21.05 12.65 6.54
C VAL A 25 -21.42 14.09 6.86
N GLN A 26 -20.46 14.85 7.38
CA GLN A 26 -20.66 16.29 7.58
C GLN A 26 -20.12 17.00 6.35
N TRP A 27 -20.96 17.12 5.33
CA TRP A 27 -20.56 17.75 4.09
C TRP A 27 -20.12 19.19 4.31
N GLY A 28 -19.11 19.62 3.56
CA GLY A 28 -18.73 21.01 3.51
C GLY A 28 -19.35 21.71 2.31
N GLU A 29 -18.91 22.95 2.08
CA GLU A 29 -19.44 23.77 1.00
C GLU A 29 -18.64 23.50 -0.27
N GLN A 30 -19.30 22.89 -1.26
CA GLN A 30 -18.64 22.61 -2.53
C GLN A 30 -18.06 23.87 -3.17
N ASP A 31 -18.68 25.03 -2.92
CA ASP A 31 -18.22 26.27 -3.52
C ASP A 31 -16.88 26.72 -2.98
N ASP A 32 -16.37 26.05 -1.95
CA ASP A 32 -15.08 26.42 -1.38
C ASP A 32 -13.90 25.95 -2.24
N TYR A 33 -14.13 25.07 -3.22
CA TYR A 33 -13.02 24.49 -3.98
C TYR A 33 -13.36 24.49 -5.46
N GLU A 34 -12.42 24.93 -6.28
CA GLU A 34 -12.63 24.97 -7.72
C GLU A 34 -11.63 24.09 -8.45
N VAL A 35 -12.12 23.50 -9.54
CA VAL A 35 -11.39 22.52 -10.35
C VAL A 35 -10.61 23.26 -11.43
N VAL A 36 -9.30 23.00 -11.52
CA VAL A 36 -8.48 23.72 -12.48
C VAL A 36 -7.93 22.82 -13.60
N ARG A 37 -7.70 21.54 -13.35
CA ARG A 37 -6.97 20.70 -14.30
C ARG A 37 -7.24 19.24 -13.95
N LYS A 38 -7.51 18.40 -14.95
CA LYS A 38 -7.64 16.98 -14.66
C LYS A 38 -6.23 16.40 -14.56
N VAL A 39 -5.98 15.59 -13.54
CA VAL A 39 -4.68 14.96 -13.39
C VAL A 39 -4.72 13.45 -13.54
N GLY A 40 -5.87 12.82 -13.47
CA GLY A 40 -5.91 11.39 -13.64
C GLY A 40 -7.30 10.83 -13.43
N ARG A 41 -7.40 9.52 -13.65
CA ARG A 41 -8.65 8.79 -13.51
C ARG A 41 -8.44 7.60 -12.61
N GLY A 42 -9.50 7.24 -11.88
CA GLY A 42 -9.57 6.00 -11.15
C GLY A 42 -10.70 5.14 -11.69
N LYS A 43 -10.83 3.95 -11.08
CA LYS A 43 -11.87 3.03 -11.50
C LYS A 43 -13.26 3.62 -11.25
N TYR A 44 -13.40 4.37 -10.16
CA TYR A 44 -14.67 4.95 -9.77
C TYR A 44 -14.60 6.47 -9.66
N SER A 45 -13.56 7.10 -10.19
CA SER A 45 -13.29 8.48 -9.81
C SER A 45 -12.51 9.18 -10.92
N GLU A 46 -12.51 10.50 -10.83
CA GLU A 46 -11.64 11.35 -11.61
C GLU A 46 -10.95 12.28 -10.63
N VAL A 47 -9.69 12.60 -10.90
CA VAL A 47 -8.89 13.39 -9.97
C VAL A 47 -8.45 14.65 -10.67
N PHE A 48 -8.56 15.78 -9.97
CA PHE A 48 -8.22 17.09 -10.48
C PHE A 48 -7.35 17.85 -9.49
N GLU A 49 -6.49 18.71 -10.02
CA GLU A 49 -5.90 19.77 -9.24
C GLU A 49 -6.93 20.87 -9.07
N GLY A 50 -7.04 21.43 -7.86
CA GLY A 50 -7.98 22.50 -7.60
C GLY A 50 -7.36 23.57 -6.75
N ILE A 51 -8.20 24.54 -6.35
CA ILE A 51 -7.81 25.63 -5.50
CA ILE A 51 -7.81 25.63 -5.49
C ILE A 51 -8.83 25.76 -4.37
N ASN A 52 -8.36 26.04 -3.17
CA ASN A 52 -9.21 26.50 -2.08
C ASN A 52 -9.43 28.00 -2.26
N VAL A 53 -10.61 28.42 -2.75
CA VAL A 53 -10.74 29.82 -3.15
C VAL A 53 -10.56 30.79 -1.97
N ASN A 54 -10.99 30.39 -0.77
CA ASN A 54 -10.72 31.21 0.40
C ASN A 54 -9.22 31.28 0.69
N SER A 55 -8.59 30.11 0.87
CA SER A 55 -7.20 30.05 1.30
C SER A 55 -6.22 30.28 0.15
N LYS A 56 -6.64 30.03 -1.08
CA LYS A 56 -5.84 30.14 -2.30
C LYS A 56 -4.79 29.05 -2.40
N GLU A 57 -4.76 28.09 -1.49
CA GLU A 57 -3.78 27.01 -1.54
C GLU A 57 -4.23 25.88 -2.46
N LYS A 58 -3.25 25.23 -3.10
CA LYS A 58 -3.50 24.11 -3.99
C LYS A 58 -4.14 22.94 -3.25
N CYS A 59 -4.96 22.18 -3.98
CA CYS A 59 -5.53 20.96 -3.40
C CYS A 59 -5.77 19.95 -4.51
N ILE A 60 -6.11 18.73 -4.10
CA ILE A 60 -6.54 17.68 -5.01
C ILE A 60 -8.02 17.45 -4.79
N ILE A 61 -8.77 17.37 -5.90
CA ILE A 61 -10.21 17.17 -5.88
C ILE A 61 -10.49 15.82 -6.53
N LYS A 62 -11.00 14.87 -5.76
CA LYS A 62 -11.38 13.55 -6.29
C LYS A 62 -12.90 13.47 -6.36
N ILE A 63 -13.43 13.41 -7.58
CA ILE A 63 -14.88 13.35 -7.78
C ILE A 63 -15.26 11.90 -8.00
N LEU A 64 -16.05 11.35 -7.09
CA LEU A 64 -16.45 9.95 -7.09
C LEU A 64 -17.84 9.82 -7.69
N LYS A 65 -17.95 9.06 -8.78
N LYS A 65 -17.99 9.03 -8.74
CA LYS A 65 -19.23 8.80 -9.42
CA LYS A 65 -19.31 8.89 -9.35
C LYS A 65 -20.26 8.52 -8.34
C LYS A 65 -19.99 7.61 -8.90
N PRO A 66 -21.38 9.28 -8.30
N PRO A 66 -19.63 6.47 -9.47
CA PRO A 66 -22.32 9.16 -7.17
CA PRO A 66 -20.27 5.18 -9.16
C PRO A 66 -22.69 7.72 -6.84
C PRO A 66 -21.61 5.15 -8.42
N VAL A 67 -22.24 6.80 -7.68
N VAL A 67 -21.79 5.96 -7.39
CA VAL A 67 -22.50 5.38 -7.49
CA VAL A 67 -22.97 5.94 -6.54
C VAL A 67 -21.50 4.81 -6.49
C VAL A 67 -22.76 4.95 -5.40
N LYS A 68 -22.00 3.88 -5.67
CA LYS A 68 -21.27 3.10 -4.67
C LYS A 68 -21.17 3.83 -3.34
N LYS A 69 -22.32 4.12 -2.73
CA LYS A 69 -22.33 5.02 -1.58
C LYS A 69 -21.66 4.39 -0.36
N LYS A 70 -21.73 3.07 -0.22
CA LYS A 70 -21.08 2.47 0.95
C LYS A 70 -19.57 2.49 0.82
N LYS A 71 -19.04 2.41 -0.41
CA LYS A 71 -17.59 2.52 -0.61
C LYS A 71 -17.11 3.93 -0.33
N ILE A 72 -17.89 4.93 -0.75
CA ILE A 72 -17.59 6.32 -0.42
C ILE A 72 -17.48 6.49 1.09
N ARG A 73 -18.43 5.94 1.83
CA ARG A 73 -18.41 6.17 3.27
C ARG A 73 -17.31 5.36 3.95
N ARG A 74 -16.97 4.19 3.41
CA ARG A 74 -15.81 3.46 3.93
C ARG A 74 -14.54 4.27 3.78
N GLU A 75 -14.31 4.82 2.57
CA GLU A 75 -13.10 5.61 2.33
C GLU A 75 -13.08 6.85 3.22
N ILE A 76 -14.22 7.54 3.36
CA ILE A 76 -14.24 8.71 4.24
C ILE A 76 -13.99 8.31 5.68
N LYS A 77 -14.66 7.26 6.15
CA LYS A 77 -14.48 6.83 7.53
C LYS A 77 -13.01 6.50 7.81
N ILE A 78 -12.36 5.81 6.87
CA ILE A 78 -10.98 5.39 7.12
C ILE A 78 -10.04 6.59 7.09
N LEU A 79 -10.26 7.51 6.16
CA LEU A 79 -9.43 8.72 6.10
C LEU A 79 -9.58 9.55 7.37
N GLN A 80 -10.81 9.65 7.88
CA GLN A 80 -11.01 10.46 9.08
C GLN A 80 -10.39 9.79 10.30
N ASN A 81 -10.48 8.46 10.39
CA ASN A 81 -9.84 7.78 11.50
C ASN A 81 -8.32 7.88 11.43
N LEU A 82 -7.75 7.94 10.22
CA LEU A 82 -6.29 8.05 10.10
C LEU A 82 -5.80 9.49 10.11
N CYS A 83 -6.70 10.48 10.07
CA CYS A 83 -6.25 11.86 9.88
C CYS A 83 -5.19 12.22 10.92
N GLY A 84 -4.11 12.84 10.46
CA GLY A 84 -3.00 13.23 11.32
C GLY A 84 -1.93 12.18 11.48
N GLY A 85 -2.20 10.93 11.14
CA GLY A 85 -1.21 9.88 11.22
C GLY A 85 -0.03 10.17 10.31
N PRO A 86 1.12 9.60 10.64
CA PRO A 86 2.35 9.93 9.91
C PRO A 86 2.29 9.42 8.48
N ASN A 87 2.45 10.34 7.52
CA ASN A 87 2.56 10.06 6.10
C ASN A 87 1.28 9.50 5.49
N ILE A 88 0.13 9.76 6.11
CA ILE A 88 -1.16 9.47 5.51
C ILE A 88 -1.62 10.74 4.79
N VAL A 89 -2.07 10.59 3.54
CA VAL A 89 -2.66 11.72 2.86
C VAL A 89 -3.75 12.34 3.74
N LYS A 90 -3.75 13.67 3.80
CA LYS A 90 -4.70 14.44 4.58
C LYS A 90 -5.99 14.65 3.79
N LEU A 91 -7.12 14.19 4.32
CA LEU A 91 -8.42 14.58 3.79
C LEU A 91 -8.80 15.95 4.37
N LEU A 92 -8.90 16.97 3.51
CA LEU A 92 -9.22 18.32 3.95
C LEU A 92 -10.71 18.56 4.10
N ASP A 93 -11.53 17.92 3.29
CA ASP A 93 -12.94 18.22 3.26
C ASP A 93 -13.65 17.14 2.46
N VAL A 94 -14.97 17.07 2.65
CA VAL A 94 -15.87 16.27 1.84
C VAL A 94 -17.02 17.17 1.47
N VAL A 95 -17.38 17.20 0.18
CA VAL A 95 -18.41 18.11 -0.32
C VAL A 95 -19.20 17.42 -1.41
N ARG A 96 -20.28 18.08 -1.85
CA ARG A 96 -21.09 17.52 -2.92
C ARG A 96 -22.05 18.59 -3.45
N ASP A 97 -22.52 18.36 -4.67
CA ASP A 97 -23.25 19.37 -5.43
C ASP A 97 -24.36 20.02 -4.61
N GLN A 98 -25.33 19.22 -4.17
CA GLN A 98 -26.53 19.65 -3.43
C GLN A 98 -27.78 19.18 -4.17
N HIS A 99 -27.78 19.35 -5.49
CA HIS A 99 -28.83 18.83 -6.37
C HIS A 99 -28.41 17.55 -7.09
N SER A 100 -27.18 17.48 -7.59
CA SER A 100 -26.72 16.30 -8.31
C SER A 100 -26.25 15.18 -7.36
N LYS A 101 -25.92 15.52 -6.11
CA LYS A 101 -25.57 14.53 -5.10
C LYS A 101 -24.12 14.08 -5.20
N THR A 102 -23.49 14.19 -6.37
CA THR A 102 -22.16 13.63 -6.57
C THR A 102 -21.17 14.20 -5.57
N PRO A 103 -20.44 13.35 -4.84
CA PRO A 103 -19.52 13.83 -3.81
C PRO A 103 -18.09 14.01 -4.30
N SER A 104 -17.38 14.89 -3.62
CA SER A 104 -15.98 15.22 -3.95
C SER A 104 -15.14 15.12 -2.68
N LEU A 105 -14.04 14.37 -2.74
CA LEU A 105 -13.11 14.31 -1.63
C LEU A 105 -11.98 15.31 -1.89
N ILE A 106 -11.71 16.18 -0.92
CA ILE A 106 -10.71 17.23 -1.07
C ILE A 106 -9.48 16.88 -0.23
N PHE A 107 -8.32 16.78 -0.88
CA PHE A 107 -7.06 16.35 -0.25
C PHE A 107 -5.97 17.41 -0.35
N GLU A 108 -5.01 17.35 0.59
CA GLU A 108 -3.77 18.09 0.40
C GLU A 108 -3.17 17.75 -0.95
N TYR A 109 -2.44 18.71 -1.53
CA TYR A 109 -1.72 18.51 -2.77
C TYR A 109 -0.27 18.12 -2.47
N VAL A 110 0.18 17.02 -3.05
CA VAL A 110 1.58 16.61 -2.97
C VAL A 110 2.20 16.84 -4.33
N ASN A 111 3.27 17.64 -4.38
CA ASN A 111 4.00 17.91 -5.62
C ASN A 111 4.88 16.71 -5.97
N SER A 112 4.22 15.64 -6.41
CA SER A 112 4.92 14.36 -6.56
C SER A 112 5.58 14.21 -7.92
N THR A 113 6.61 13.37 -7.94
CA THR A 113 7.19 12.88 -9.17
C THR A 113 6.73 11.44 -9.39
N ASP A 114 6.20 11.15 -10.57
CA ASP A 114 5.68 9.81 -10.83
C ASP A 114 6.78 8.77 -10.67
N PHE A 115 6.45 7.68 -10.00
CA PHE A 115 7.47 6.69 -9.69
C PHE A 115 8.21 6.22 -10.93
N LYS A 116 7.53 6.16 -12.09
CA LYS A 116 8.20 5.60 -13.27
C LYS A 116 9.43 6.43 -13.63
N VAL A 117 9.37 7.75 -13.46
CA VAL A 117 10.56 8.54 -13.67
C VAL A 117 11.39 8.67 -12.41
N LEU A 118 10.77 8.63 -11.23
CA LEU A 118 11.54 8.88 -10.02
C LEU A 118 12.39 7.67 -9.64
N TYR A 119 11.82 6.47 -9.67
CA TYR A 119 12.51 5.33 -9.05
C TYR A 119 13.87 5.03 -9.70
N PRO A 120 14.05 5.15 -11.01
CA PRO A 120 15.39 4.91 -11.57
C PRO A 120 16.43 5.90 -11.09
N THR A 121 16.03 7.01 -10.49
CA THR A 121 16.97 7.99 -9.99
C THR A 121 17.26 7.83 -8.51
N LEU A 122 16.63 6.88 -7.85
CA LEU A 122 16.78 6.75 -6.41
C LEU A 122 18.14 6.13 -6.06
N THR A 123 18.75 6.64 -5.01
CA THR A 123 20.01 6.09 -4.51
C THR A 123 19.74 5.07 -3.40
N ASP A 124 20.80 4.39 -2.95
CA ASP A 124 20.64 3.46 -1.84
C ASP A 124 20.03 4.17 -0.64
N TYR A 125 20.57 5.35 -0.31
CA TYR A 125 20.05 6.10 0.84
C TYR A 125 18.59 6.48 0.64
N ASP A 126 18.21 6.93 -0.56
CA ASP A 126 16.83 7.33 -0.82
C ASP A 126 15.87 6.17 -0.56
N ILE A 127 16.22 4.97 -1.01
CA ILE A 127 15.33 3.83 -0.84
C ILE A 127 15.14 3.53 0.64
N ARG A 128 16.24 3.46 1.40
CA ARG A 128 16.09 3.24 2.84
C ARG A 128 15.23 4.33 3.47
N TYR A 129 15.44 5.58 3.07
CA TYR A 129 14.67 6.69 3.63
C TYR A 129 13.19 6.57 3.30
N TYR A 130 12.86 6.41 2.01
CA TYR A 130 11.46 6.47 1.61
C TYR A 130 10.71 5.22 2.04
N ILE A 131 11.35 4.05 2.00
CA ILE A 131 10.68 2.84 2.48
C ILE A 131 10.40 2.97 3.98
N TYR A 132 11.32 3.57 4.72
CA TYR A 132 11.06 3.80 6.15
C TYR A 132 9.87 4.73 6.34
N GLU A 133 9.79 5.79 5.51
CA GLU A 133 8.65 6.71 5.61
C GLU A 133 7.35 5.98 5.32
N LEU A 134 7.35 5.08 4.35
CA LEU A 134 6.15 4.32 4.03
C LEU A 134 5.81 3.34 5.15
N LEU A 135 6.82 2.76 5.78
CA LEU A 135 6.55 1.88 6.92
C LEU A 135 5.88 2.62 8.06
N LYS A 136 6.26 3.88 8.29
CA LYS A 136 5.60 4.69 9.30
C LYS A 136 4.09 4.78 9.04
N ALA A 137 3.70 4.93 7.77
CA ALA A 137 2.28 5.02 7.46
C ALA A 137 1.57 3.67 7.67
N LEU A 138 2.20 2.57 7.23
CA LEU A 138 1.58 1.25 7.40
C LEU A 138 1.56 0.83 8.86
N ASP A 139 2.63 1.04 9.61
CA ASP A 139 2.55 0.71 11.04
C ASP A 139 1.40 1.46 11.67
N PHE A 140 1.24 2.74 11.32
CA PHE A 140 0.18 3.54 11.93
C PHE A 140 -1.19 3.00 11.55
N CYS A 141 -1.44 2.82 10.25
CA CYS A 141 -2.78 2.38 9.89
C CYS A 141 -3.05 0.96 10.39
N HIS A 142 -2.04 0.09 10.36
CA HIS A 142 -2.23 -1.25 10.94
C HIS A 142 -2.55 -1.15 12.42
N SER A 143 -1.90 -0.21 13.14
CA SER A 143 -2.15 -0.07 14.57
C SER A 143 -3.56 0.44 14.84
N GLN A 144 -4.14 1.22 13.94
CA GLN A 144 -5.53 1.64 14.04
C GLN A 144 -6.49 0.58 13.55
N GLY A 145 -6.01 -0.62 13.22
CA GLY A 145 -6.88 -1.70 12.79
C GLY A 145 -7.31 -1.65 11.34
N ILE A 146 -6.52 -1.05 10.46
CA ILE A 146 -6.91 -0.83 9.07
C ILE A 146 -5.88 -1.46 8.14
N MET A 147 -6.36 -2.23 7.17
CA MET A 147 -5.58 -2.73 6.06
C MET A 147 -5.73 -1.79 4.88
N HIS A 148 -4.62 -1.46 4.23
CA HIS A 148 -4.71 -0.59 3.05
C HIS A 148 -5.24 -1.36 1.83
N ARG A 149 -4.62 -2.49 1.52
CA ARG A 149 -5.02 -3.43 0.46
C ARG A 149 -4.80 -2.90 -0.96
N ASP A 150 -4.14 -1.76 -1.15
CA ASP A 150 -3.76 -1.39 -2.51
C ASP A 150 -2.39 -0.72 -2.51
N VAL A 151 -1.42 -1.30 -1.77
CA VAL A 151 -0.09 -0.73 -1.70
C VAL A 151 0.64 -0.98 -3.01
N LYS A 152 1.13 0.08 -3.62
CA LYS A 152 1.83 0.03 -4.89
C LYS A 152 2.40 1.42 -5.17
N PRO A 153 3.40 1.51 -6.04
CA PRO A 153 4.05 2.81 -6.27
C PRO A 153 3.08 3.89 -6.73
N HIS A 154 2.06 3.52 -7.50
CA HIS A 154 1.06 4.52 -7.93
C HIS A 154 0.38 5.19 -6.75
N ASN A 155 0.32 4.52 -5.59
CA ASN A 155 -0.42 5.04 -4.44
C ASN A 155 0.52 5.60 -3.37
N VAL A 156 1.79 5.81 -3.73
CA VAL A 156 2.76 6.40 -2.83
C VAL A 156 3.23 7.69 -3.49
N MET A 157 2.71 8.83 -3.03
CA MET A 157 3.08 10.12 -3.60
C MET A 157 4.36 10.60 -2.93
N ILE A 158 5.40 10.83 -3.72
CA ILE A 158 6.69 11.30 -3.20
C ILE A 158 6.99 12.66 -3.81
N ASP A 159 6.98 13.70 -3.00
CA ASP A 159 7.56 14.99 -3.38
C ASP A 159 9.04 14.85 -3.07
N HIS A 160 9.83 14.55 -4.11
CA HIS A 160 11.23 14.20 -3.90
C HIS A 160 12.05 15.39 -3.42
N GLU A 161 11.70 16.59 -3.85
CA GLU A 161 12.45 17.75 -3.38
C GLU A 161 12.21 17.99 -1.90
N LEU A 162 11.02 17.72 -1.41
CA LEU A 162 10.71 17.92 0.00
C LEU A 162 10.98 16.67 0.86
N ARG A 163 11.54 15.62 0.27
CA ARG A 163 11.75 14.34 0.97
C ARG A 163 10.47 13.93 1.70
N LYS A 164 9.34 14.06 1.01
CA LYS A 164 8.02 13.99 1.61
C LYS A 164 7.22 12.87 0.94
N LEU A 165 6.62 11.99 1.74
CA LEU A 165 5.91 10.82 1.23
C LEU A 165 4.48 10.76 1.81
N ARG A 166 3.50 10.44 0.96
CA ARG A 166 2.12 10.25 1.40
C ARG A 166 1.55 8.98 0.80
N LEU A 167 0.93 8.16 1.64
CA LEU A 167 0.21 6.98 1.19
C LEU A 167 -1.22 7.38 0.86
N ILE A 168 -1.64 7.15 -0.41
CA ILE A 168 -2.94 7.62 -0.88
C ILE A 168 -3.84 6.46 -1.32
N ASP A 169 -5.02 6.83 -1.84
CA ASP A 169 -6.08 5.96 -2.33
C ASP A 169 -6.47 4.85 -1.36
N TRP A 170 -7.20 5.25 -0.33
CA TRP A 170 -7.76 4.34 0.65
C TRP A 170 -9.12 3.79 0.25
N GLY A 171 -9.42 3.76 -1.06
CA GLY A 171 -10.70 3.28 -1.54
C GLY A 171 -10.91 1.77 -1.46
N LEU A 172 -9.84 1.00 -1.26
CA LEU A 172 -9.93 -0.44 -1.04
C LEU A 172 -9.62 -0.82 0.40
N ALA A 173 -9.24 0.13 1.24
CA ALA A 173 -8.89 -0.15 2.62
C ALA A 173 -10.08 -0.75 3.36
N GLU A 174 -9.78 -1.44 4.46
CA GLU A 174 -10.82 -2.13 5.23
C GLU A 174 -10.35 -2.33 6.66
N PHE A 175 -11.30 -2.32 7.60
CA PHE A 175 -11.02 -2.62 8.99
C PHE A 175 -10.76 -4.10 9.19
N TYR A 176 -9.75 -4.44 9.98
CA TYR A 176 -9.43 -5.84 10.26
C TYR A 176 -10.23 -6.35 11.44
N HIS A 177 -10.92 -7.47 11.24
CA HIS A 177 -11.61 -8.17 12.31
C HIS A 177 -11.11 -9.61 12.36
N PRO A 178 -10.54 -10.08 13.46
CA PRO A 178 -9.93 -11.41 13.48
C PRO A 178 -10.92 -12.49 13.05
N GLY A 179 -10.50 -13.29 12.07
CA GLY A 179 -11.30 -14.39 11.59
C GLY A 179 -12.31 -14.00 10.53
N LYS A 180 -12.60 -12.72 10.35
CA LYS A 180 -13.47 -12.31 9.26
C LYS A 180 -12.87 -12.78 7.94
N GLU A 181 -13.74 -13.13 7.00
CA GLU A 181 -13.29 -13.44 5.65
C GLU A 181 -13.47 -12.19 4.79
N TYR A 182 -12.52 -11.97 3.88
CA TYR A 182 -12.49 -10.75 3.10
C TYR A 182 -12.48 -11.09 1.61
N ASN A 183 -13.03 -10.16 0.82
CA ASN A 183 -12.91 -10.21 -0.63
C ASN A 183 -11.45 -10.32 -1.03
N VAL A 184 -11.14 -11.25 -1.93
CA VAL A 184 -9.76 -11.44 -2.35
C VAL A 184 -9.53 -10.72 -3.67
N ARG A 185 -10.52 -9.95 -4.13
CA ARG A 185 -10.38 -9.16 -5.34
C ARG A 185 -10.03 -7.72 -4.97
N VAL A 186 -8.84 -7.59 -4.36
CA VAL A 186 -8.29 -6.31 -3.92
C VAL A 186 -6.85 -6.21 -4.39
N ALA A 187 -6.23 -5.06 -4.13
CA ALA A 187 -4.86 -4.77 -4.58
C ALA A 187 -4.78 -4.87 -6.10
N SER A 188 -3.63 -4.50 -6.66
CA SER A 188 -3.41 -4.53 -8.10
C SER A 188 -2.56 -5.74 -8.45
N ARG A 189 -2.74 -6.26 -9.67
CA ARG A 189 -2.21 -7.55 -10.06
CA ARG A 189 -2.20 -7.55 -10.07
C ARG A 189 -0.78 -7.80 -9.58
N TYR A 190 0.16 -6.91 -9.93
CA TYR A 190 1.57 -7.18 -9.66
C TYR A 190 1.90 -7.16 -8.19
N PHE A 191 1.00 -6.66 -7.34
CA PHE A 191 1.23 -6.48 -5.91
C PHE A 191 0.30 -7.34 -5.08
N LYS A 192 -0.48 -8.20 -5.71
CA LYS A 192 -1.32 -9.15 -4.99
C LYS A 192 -0.46 -10.18 -4.28
N GLY A 193 -0.80 -10.45 -3.02
CA GLY A 193 -0.11 -11.46 -2.25
C GLY A 193 -0.56 -12.86 -2.63
N PRO A 194 0.24 -13.87 -2.28
CA PRO A 194 -0.21 -15.25 -2.52
C PRO A 194 -1.59 -15.53 -1.96
N GLU A 195 -1.91 -14.99 -0.79
CA GLU A 195 -3.20 -15.28 -0.19
C GLU A 195 -4.32 -15.00 -1.17
N LEU A 196 -4.22 -13.88 -1.89
CA LEU A 196 -5.26 -13.53 -2.84
C LEU A 196 -5.24 -14.48 -4.04
N LEU A 197 -4.05 -14.82 -4.55
CA LEU A 197 -3.93 -15.63 -5.75
C LEU A 197 -4.33 -17.08 -5.54
N VAL A 198 -4.47 -17.54 -4.30
CA VAL A 198 -4.92 -18.90 -4.04
C VAL A 198 -6.17 -18.92 -3.17
N ASP A 199 -6.88 -17.79 -3.11
CA ASP A 199 -8.21 -17.72 -2.48
C ASP A 199 -8.16 -18.02 -0.98
N LEU A 200 -7.10 -17.55 -0.31
CA LEU A 200 -7.09 -17.56 1.15
C LEU A 200 -7.75 -16.28 1.63
N GLN A 201 -8.95 -16.39 2.18
CA GLN A 201 -9.81 -15.23 2.41
C GLN A 201 -9.63 -14.60 3.79
N ASP A 202 -9.14 -15.33 4.79
CA ASP A 202 -8.98 -14.72 6.10
C ASP A 202 -7.57 -14.15 6.25
N TYR A 203 -7.25 -13.20 5.37
CA TYR A 203 -5.96 -12.54 5.39
C TYR A 203 -6.00 -11.34 6.34
N ASP A 204 -4.88 -10.63 6.47
CA ASP A 204 -4.77 -9.55 7.46
C ASP A 204 -3.79 -8.49 6.96
N TYR A 205 -3.29 -7.65 7.88
CA TYR A 205 -2.39 -6.55 7.53
C TYR A 205 -1.18 -7.00 6.72
N SER A 206 -0.78 -8.26 6.88
CA SER A 206 0.43 -8.76 6.24
C SER A 206 0.30 -8.78 4.72
N LEU A 207 -0.93 -8.71 4.19
CA LEU A 207 -1.09 -8.49 2.77
C LEU A 207 -0.35 -7.22 2.33
N ASP A 208 -0.45 -6.15 3.12
CA ASP A 208 0.25 -4.91 2.78
C ASP A 208 1.76 -5.10 2.80
N MET A 209 2.26 -6.00 3.65
CA MET A 209 3.70 -6.20 3.71
C MET A 209 4.21 -7.00 2.51
N TRP A 210 3.38 -7.90 1.95
CA TRP A 210 3.75 -8.49 0.67
C TRP A 210 3.88 -7.40 -0.40
N SER A 211 2.86 -6.52 -0.51
CA SER A 211 2.88 -5.49 -1.54
C SER A 211 4.09 -4.58 -1.38
N LEU A 212 4.39 -4.21 -0.14
CA LEU A 212 5.62 -3.47 0.13
C LEU A 212 6.84 -4.24 -0.37
N GLY A 213 6.91 -5.54 -0.08
CA GLY A 213 8.07 -6.31 -0.53
C GLY A 213 8.19 -6.31 -2.04
N CYS A 214 7.05 -6.38 -2.74
CA CYS A 214 7.06 -6.24 -4.19
C CYS A 214 7.66 -4.90 -4.61
N MET A 215 7.25 -3.79 -3.98
CA MET A 215 7.77 -2.48 -4.36
C MET A 215 9.26 -2.40 -4.09
N PHE A 216 9.67 -2.87 -2.90
CA PHE A 216 11.07 -2.85 -2.51
C PHE A 216 11.93 -3.66 -3.48
N ALA A 217 11.48 -4.87 -3.83
CA ALA A 217 12.26 -5.65 -4.79
C ALA A 217 12.33 -4.92 -6.14
N GLY A 218 11.24 -4.28 -6.53
CA GLY A 218 11.30 -3.51 -7.76
C GLY A 218 12.29 -2.37 -7.67
N MET A 219 12.41 -1.77 -6.49
CA MET A 219 13.32 -0.64 -6.31
CA MET A 219 13.32 -0.64 -6.35
C MET A 219 14.78 -1.08 -6.33
N ILE A 220 15.16 -2.00 -5.44
CA ILE A 220 16.58 -2.31 -5.33
C ILE A 220 17.10 -3.05 -6.55
N PHE A 221 16.23 -3.78 -7.25
CA PHE A 221 16.65 -4.51 -8.43
C PHE A 221 16.39 -3.74 -9.73
N ARG A 222 15.78 -2.56 -9.66
CA ARG A 222 15.42 -1.77 -10.83
C ARG A 222 14.69 -2.66 -11.84
N LYS A 223 13.59 -3.25 -11.36
CA LYS A 223 12.82 -4.21 -12.16
C LYS A 223 11.34 -4.02 -11.78
N GLU A 224 10.66 -3.12 -12.49
CA GLU A 224 9.27 -2.80 -12.19
CA GLU A 224 9.27 -2.78 -12.20
C GLU A 224 8.37 -3.24 -13.33
N PRO A 225 7.36 -4.06 -13.06
CA PRO A 225 7.13 -4.58 -11.70
C PRO A 225 8.03 -5.79 -11.47
N PHE A 226 8.28 -6.18 -10.23
CA PHE A 226 9.17 -7.32 -10.00
C PHE A 226 8.52 -8.62 -10.45
N PHE A 227 7.26 -8.83 -10.08
CA PHE A 227 6.47 -10.02 -10.44
C PHE A 227 5.49 -9.60 -11.54
N TYR A 228 5.76 -9.98 -12.78
CA TYR A 228 5.03 -9.45 -13.96
C TYR A 228 4.14 -10.54 -14.56
N GLY A 229 3.02 -10.81 -13.90
CA GLY A 229 2.07 -11.78 -14.43
C GLY A 229 1.28 -11.16 -15.57
N HIS A 230 0.96 -11.98 -16.56
CA HIS A 230 0.10 -11.55 -17.66
C HIS A 230 -1.37 -11.56 -17.30
N ASP A 231 -1.74 -12.18 -16.20
CA ASP A 231 -3.10 -12.29 -15.67
C ASP A 231 -2.97 -12.80 -14.23
N ASN A 232 -4.11 -12.94 -13.55
CA ASN A 232 -4.09 -13.29 -12.14
C ASN A 232 -3.55 -14.70 -11.89
N GLN A 233 -3.73 -15.62 -12.84
CA GLN A 233 -3.16 -16.95 -12.68
C GLN A 233 -1.67 -16.92 -12.97
N ASP A 234 -1.28 -16.26 -14.05
CA ASP A 234 0.14 -16.16 -14.35
C ASP A 234 0.90 -15.40 -13.26
N GLN A 235 0.20 -14.57 -12.49
CA GLN A 235 0.86 -13.85 -11.40
C GLN A 235 1.43 -14.83 -10.39
N LEU A 236 0.64 -15.82 -9.99
CA LEU A 236 1.15 -16.81 -9.05
C LEU A 236 2.28 -17.63 -9.67
N VAL A 237 2.17 -17.92 -10.97
CA VAL A 237 3.24 -18.63 -11.67
C VAL A 237 4.54 -17.85 -11.57
N LYS A 238 4.49 -16.54 -11.78
CA LYS A 238 5.70 -15.72 -11.78
C LYS A 238 6.31 -15.65 -10.38
N ILE A 239 5.47 -15.67 -9.34
CA ILE A 239 5.97 -15.76 -7.98
C ILE A 239 6.63 -17.11 -7.75
N ALA A 240 5.96 -18.18 -8.19
CA ALA A 240 6.48 -19.53 -7.98
C ALA A 240 7.83 -19.73 -8.64
N LYS A 241 8.05 -19.09 -9.78
CA LYS A 241 9.34 -19.18 -10.46
C LYS A 241 10.46 -18.54 -9.65
N VAL A 242 10.14 -17.82 -8.57
CA VAL A 242 11.15 -17.17 -7.74
C VAL A 242 11.23 -17.82 -6.37
N LEU A 243 10.12 -17.87 -5.66
CA LEU A 243 10.10 -18.45 -4.33
C LEU A 243 10.14 -19.97 -4.36
N GLY A 244 9.83 -20.57 -5.51
CA GLY A 244 9.85 -22.01 -5.67
C GLY A 244 8.54 -22.67 -5.31
N THR A 245 8.30 -23.83 -5.92
CA THR A 245 7.05 -24.54 -5.70
C THR A 245 7.05 -25.37 -4.43
N ASP A 246 8.23 -25.76 -3.94
CA ASP A 246 8.27 -26.49 -2.67
C ASP A 246 7.64 -25.65 -1.55
N GLU A 247 8.08 -24.40 -1.41
CA GLU A 247 7.49 -23.55 -0.38
C GLU A 247 6.01 -23.29 -0.63
N LEU A 248 5.62 -23.17 -1.90
CA LEU A 248 4.20 -22.99 -2.21
C LEU A 248 3.39 -24.16 -1.68
N ASN A 249 3.68 -25.36 -2.19
CA ASN A 249 2.86 -26.51 -1.83
C ASN A 249 2.88 -26.79 -0.33
N ALA A 250 3.89 -26.29 0.40
CA ALA A 250 3.84 -26.36 1.86
C ALA A 250 2.93 -25.29 2.46
N TYR A 251 2.96 -24.08 1.88
CA TYR A 251 1.99 -23.06 2.27
C TYR A 251 0.58 -23.57 2.02
N LEU A 252 0.31 -24.07 0.81
CA LEU A 252 -1.00 -24.60 0.49
C LEU A 252 -1.41 -25.68 1.48
N ASN A 253 -0.47 -26.58 1.77
CA ASN A 253 -0.75 -27.64 2.73
C ASN A 253 -1.16 -27.05 4.08
N LYS A 254 -0.39 -26.09 4.57
CA LYS A 254 -0.64 -25.58 5.92
C LYS A 254 -2.00 -24.92 6.04
N TYR A 255 -2.55 -24.39 4.95
CA TYR A 255 -3.75 -23.57 5.00
C TYR A 255 -4.96 -24.22 4.32
N GLN A 256 -4.90 -25.53 4.04
CA GLN A 256 -6.08 -26.28 3.58
C GLN A 256 -6.53 -25.81 2.20
N LEU A 257 -5.59 -25.55 1.31
CA LEU A 257 -5.88 -24.96 0.01
C LEU A 257 -5.47 -25.91 -1.10
N GLU A 258 -6.19 -25.84 -2.21
CA GLU A 258 -5.91 -26.68 -3.37
C GLU A 258 -6.10 -25.85 -4.64
N LEU A 259 -5.08 -25.79 -5.48
CA LEU A 259 -5.18 -25.06 -6.72
C LEU A 259 -6.10 -25.76 -7.71
N ASP A 260 -6.89 -24.97 -8.45
CA ASP A 260 -7.59 -25.46 -9.62
C ASP A 260 -6.62 -26.29 -10.46
N PRO A 261 -6.94 -27.54 -10.79
CA PRO A 261 -6.01 -28.38 -11.54
C PRO A 261 -5.39 -27.65 -12.72
N GLN A 262 -6.14 -26.72 -13.30
CA GLN A 262 -5.61 -25.97 -14.42
C GLN A 262 -4.54 -24.97 -13.97
N LEU A 263 -4.73 -24.37 -12.79
CA LEU A 263 -3.70 -23.48 -12.27
C LEU A 263 -2.48 -24.25 -11.80
N GLU A 264 -2.70 -25.34 -11.05
CA GLU A 264 -1.59 -26.19 -10.63
C GLU A 264 -0.71 -26.57 -11.82
N ALA A 265 -1.33 -26.91 -12.95
CA ALA A 265 -0.56 -27.22 -14.14
C ALA A 265 0.29 -26.04 -14.58
N LEU A 266 -0.27 -24.83 -14.56
CA LEU A 266 0.47 -23.66 -15.00
C LEU A 266 1.66 -23.38 -14.09
N VAL A 267 1.50 -23.65 -12.79
CA VAL A 267 2.57 -23.36 -11.85
C VAL A 267 3.77 -24.27 -12.10
N GLY A 268 3.51 -25.57 -12.28
CA GLY A 268 4.60 -26.48 -12.58
C GLY A 268 5.44 -26.74 -11.36
N ARG A 269 6.75 -26.86 -11.57
CA ARG A 269 7.69 -27.15 -10.50
C ARG A 269 8.92 -26.27 -10.70
N HIS A 270 9.35 -25.62 -9.62
CA HIS A 270 10.42 -24.65 -9.73
C HIS A 270 11.24 -24.64 -8.45
N SER A 271 12.57 -24.63 -8.60
CA SER A 271 13.42 -24.45 -7.44
C SER A 271 13.38 -23.00 -6.98
N ARG A 272 13.51 -22.81 -5.67
CA ARG A 272 13.68 -21.45 -5.15
C ARG A 272 14.91 -20.82 -5.77
N LYS A 273 14.76 -19.61 -6.27
CA LYS A 273 15.94 -18.93 -6.76
C LYS A 273 16.54 -18.05 -5.67
N PRO A 274 17.86 -17.92 -5.63
CA PRO A 274 18.47 -17.00 -4.66
C PRO A 274 18.28 -15.57 -5.13
N TRP A 275 18.10 -14.68 -4.14
CA TRP A 275 17.90 -13.27 -4.47
C TRP A 275 19.12 -12.68 -5.20
N SER A 276 20.31 -13.25 -4.99
CA SER A 276 21.48 -12.78 -5.72
C SER A 276 21.32 -12.91 -7.23
N LYS A 277 20.41 -13.74 -7.72
CA LYS A 277 20.19 -13.89 -9.15
C LYS A 277 19.73 -12.61 -9.82
N PHE A 278 19.15 -11.70 -9.05
CA PHE A 278 18.58 -10.48 -9.61
C PHE A 278 19.56 -9.32 -9.59
N ILE A 279 20.74 -9.54 -9.05
CA ILE A 279 21.78 -8.52 -9.03
C ILE A 279 22.42 -8.44 -10.41
N ASN A 280 22.66 -7.22 -10.88
CA ASN A 280 23.44 -7.00 -12.09
C ASN A 280 24.26 -5.74 -11.92
N ALA A 281 25.03 -5.40 -12.95
CA ALA A 281 25.93 -4.26 -12.84
C ALA A 281 25.18 -2.95 -12.64
N ASP A 282 23.95 -2.87 -13.15
CA ASP A 282 23.23 -1.61 -13.07
CA ASP A 282 23.16 -1.64 -13.10
C ASP A 282 22.48 -1.41 -11.76
N ASN A 283 22.24 -2.46 -10.98
CA ASN A 283 21.57 -2.30 -9.69
C ASN A 283 22.44 -2.66 -8.50
N GLN A 284 23.67 -3.13 -8.73
CA GLN A 284 24.48 -3.64 -7.63
C GLN A 284 24.64 -2.61 -6.51
N HIS A 285 24.69 -1.33 -6.84
CA HIS A 285 24.88 -0.33 -5.80
C HIS A 285 23.67 -0.18 -4.89
N LEU A 286 22.53 -0.76 -5.25
CA LEU A 286 21.34 -0.65 -4.42
C LEU A 286 21.14 -1.86 -3.54
N VAL A 287 21.97 -2.89 -3.71
CA VAL A 287 21.76 -4.17 -3.07
C VAL A 287 22.89 -4.40 -2.07
N SER A 288 22.53 -4.77 -0.87
CA SER A 288 23.43 -5.13 0.21
C SER A 288 22.93 -6.39 0.87
N PRO A 289 23.74 -7.05 1.70
CA PRO A 289 23.21 -8.20 2.45
C PRO A 289 22.00 -7.83 3.29
N GLU A 290 22.01 -6.66 3.91
CA GLU A 290 20.85 -6.22 4.68
C GLU A 290 19.63 -6.05 3.77
N ALA A 291 19.82 -5.44 2.60
CA ALA A 291 18.66 -5.25 1.72
C ALA A 291 18.05 -6.59 1.34
N ILE A 292 18.90 -7.56 1.00
CA ILE A 292 18.41 -8.88 0.60
C ILE A 292 17.71 -9.55 1.78
N ASP A 293 18.31 -9.45 2.97
CA ASP A 293 17.70 -10.08 4.14
C ASP A 293 16.33 -9.50 4.43
N PHE A 294 16.21 -8.17 4.37
CA PHE A 294 14.92 -7.51 4.57
C PHE A 294 13.90 -8.00 3.54
N LEU A 295 14.30 -8.01 2.27
CA LEU A 295 13.40 -8.46 1.22
C LEU A 295 12.97 -9.90 1.46
N ASP A 296 13.93 -10.76 1.79
CA ASP A 296 13.62 -12.15 2.04
C ASP A 296 12.62 -12.33 3.16
N LYS A 297 12.63 -11.43 4.14
CA LYS A 297 11.70 -11.50 5.25
C LYS A 297 10.33 -10.92 4.91
N LEU A 298 10.19 -10.22 3.79
CA LEU A 298 8.88 -9.74 3.36
C LEU A 298 8.20 -10.68 2.37
N LEU A 299 8.95 -11.18 1.39
CA LEU A 299 8.36 -11.98 0.31
C LEU A 299 8.43 -13.46 0.71
N ARG A 300 7.47 -13.85 1.52
CA ARG A 300 7.25 -15.24 1.89
C ARG A 300 5.78 -15.59 1.65
N TYR A 301 5.55 -16.76 1.05
CA TYR A 301 4.18 -17.24 0.85
C TYR A 301 3.35 -17.08 2.11
N ASP A 302 3.86 -17.59 3.24
CA ASP A 302 3.09 -17.61 4.48
C ASP A 302 2.96 -16.21 5.05
N HIS A 303 1.77 -15.61 4.93
CA HIS A 303 1.59 -14.24 5.43
C HIS A 303 1.92 -14.13 6.91
N GLN A 304 1.70 -15.21 7.67
CA GLN A 304 2.03 -15.20 9.09
C GLN A 304 3.51 -15.11 9.35
N ASP A 305 4.33 -15.50 8.39
CA ASP A 305 5.77 -15.50 8.58
C ASP A 305 6.45 -14.21 8.13
N ARG A 306 5.71 -13.26 7.55
CA ARG A 306 6.30 -12.00 7.09
C ARG A 306 6.54 -11.06 8.26
N LEU A 307 7.51 -10.16 8.10
CA LEU A 307 7.68 -9.10 9.08
C LEU A 307 6.43 -8.23 9.17
N THR A 308 6.07 -7.84 10.38
CA THR A 308 5.05 -6.81 10.55
C THR A 308 5.68 -5.46 10.19
N ALA A 309 4.86 -4.41 10.04
CA ALA A 309 5.45 -3.11 9.74
C ALA A 309 6.38 -2.68 10.87
N LYS A 310 5.99 -2.96 12.11
CA LYS A 310 6.82 -2.57 13.24
C LYS A 310 8.14 -3.34 13.24
N GLU A 311 8.08 -4.65 13.02
CA GLU A 311 9.30 -5.46 12.92
C GLU A 311 10.19 -4.99 11.79
N ALA A 312 9.58 -4.66 10.64
CA ALA A 312 10.34 -4.16 9.51
C ALA A 312 11.12 -2.88 9.87
N MET A 313 10.48 -1.95 10.58
CA MET A 313 11.17 -0.73 10.95
CA MET A 313 11.17 -0.73 10.95
C MET A 313 12.38 -1.02 11.84
N ALA A 314 12.35 -2.14 12.55
CA ALA A 314 13.46 -2.58 13.41
C ALA A 314 14.57 -3.31 12.67
N HIS A 315 14.42 -3.58 11.37
CA HIS A 315 15.42 -4.38 10.66
C HIS A 315 16.73 -3.60 10.48
N ALA A 316 17.84 -4.34 10.37
CA ALA A 316 19.15 -3.71 10.24
C ALA A 316 19.25 -2.79 9.02
N TYR A 317 18.51 -3.08 7.95
CA TYR A 317 18.59 -2.26 6.75
C TYR A 317 18.29 -0.78 7.06
N PHE A 318 17.48 -0.51 8.08
CA PHE A 318 17.12 0.85 8.43
C PHE A 318 17.98 1.43 9.56
N ALA A 319 19.04 0.74 9.96
CA ALA A 319 19.81 1.20 11.12
C ALA A 319 20.29 2.64 10.94
N GLN A 320 20.82 2.97 9.75
CA GLN A 320 21.35 4.31 9.51
C GLN A 320 20.24 5.35 9.46
N VAL A 321 19.05 4.96 9.02
CA VAL A 321 17.93 5.91 8.99
C VAL A 321 17.47 6.24 10.41
N ARG A 322 17.28 5.20 11.24
CA ARG A 322 16.99 5.40 12.66
C ARG A 322 18.10 6.20 13.36
N ALA A 323 19.36 5.81 13.13
CA ALA A 323 20.47 6.53 13.77
C ALA A 323 20.50 7.99 13.33
N ALA A 324 20.15 8.28 12.08
CA ALA A 324 20.16 9.68 11.66
C ALA A 324 19.07 10.46 12.38
N GLU A 325 17.88 9.88 12.52
CA GLU A 325 16.81 10.56 13.26
C GLU A 325 17.22 10.77 14.71
N THR A 326 17.88 9.78 15.30
CA THR A 326 18.29 9.90 16.70
C THR A 326 19.31 11.01 16.88
N SER A 327 20.30 11.06 15.98
CA SER A 327 21.33 12.09 16.07
C SER A 327 20.73 13.47 15.88
N ARG A 328 19.85 13.63 14.89
CA ARG A 328 19.22 14.94 14.68
C ARG A 328 18.44 15.36 15.92
N MET A 329 17.61 14.46 16.45
CA MET A 329 16.83 14.77 17.64
CA MET A 329 16.83 14.78 17.64
C MET A 329 17.74 15.15 18.81
N ARG A 330 18.86 14.45 18.96
CA ARG A 330 19.81 14.77 20.03
C ARG A 330 20.41 16.15 19.83
N SER A 331 20.82 16.47 18.60
CA SER A 331 21.39 17.78 18.33
C SER A 331 20.36 18.89 18.49
N GLN A 332 19.15 18.68 17.99
CA GLN A 332 18.12 19.70 18.11
C GLN A 332 17.68 19.93 19.55
N LEU A 333 17.85 18.95 20.43
CA LEU A 333 17.58 19.12 21.85
C LEU A 333 18.82 19.62 22.58
#